data_2OOF
#
_entry.id   2OOF
#
_cell.length_a   95.851
_cell.length_b   95.851
_cell.length_c   115.931
_cell.angle_alpha   90.00
_cell.angle_beta   90.00
_cell.angle_gamma   120.00
#
_symmetry.space_group_name_H-M   'P 32 2 1'
#
loop_
_entity.id
_entity.type
_entity.pdbx_description
1 polymer '4-imidazolone-5-propanoate amidohydrolase'
2 non-polymer 'FE (III) ION'
3 water water
#
_entity_poly.entity_id   1
_entity_poly.type   'polypeptide(L)'
_entity_poly.pdbx_seq_one_letter_code
;(MSE)SLNCERVWLNVTPATLRSDLADYGLLEPHALGVHEGRIHALVP(MSE)QDLKGPYPAHWQD(MSE)KGKLVTPGL
IDCHTHLIFAGSRAEEFELRQKGVPYAEIARKGGGIISTVRATRAASEDQLFELALPRVKSLIREGVTTVEIKSGYGLTL
EDELK(MSE)LRVARRLGEALPIRVKTTLLAAHAVPPEYRDDPDSWVETICQEIIPAAAEAGLADAVDVFCEHIGFSLAQ
TEQVYLAADQYGLAVKGH(MSE)DQLSNLGGSTLAANFGALSVDHLEYLDPEGIQALAHRGVVATLLPTAFYFLKETKLP
PVVALRKAGVP(MSE)AVSSDINPGTAPIVSLR(MSE)A(MSE)N(MSE)ACTLFGLTPVEA(MSE)AGVTRHAARALGE
QEQLGQLRVG(MSE)LADFLVWNCGHPAELSYLIGVDQLVSRVVNGEETLHGEGHHHHHH
;
_entity_poly.pdbx_strand_id   A
#
loop_
_chem_comp.id
_chem_comp.type
_chem_comp.name
_chem_comp.formula
FE non-polymer 'FE (III) ION' 'Fe 3'
#
# COMPACT_ATOMS: atom_id res chain seq x y z
N LEU A 3 11.71 24.52 24.03
CA LEU A 3 11.49 23.72 22.81
C LEU A 3 10.11 23.86 22.30
N ASN A 4 9.67 25.05 22.41
CA ASN A 4 8.39 25.54 21.96
C ASN A 4 7.28 24.61 21.34
N CYS A 5 7.17 23.35 21.80
CA CYS A 5 6.14 22.42 21.38
C CYS A 5 5.62 21.69 22.63
N GLU A 6 4.38 21.20 22.58
CA GLU A 6 3.74 20.55 23.72
C GLU A 6 4.06 19.09 24.04
N ARG A 7 4.53 18.33 23.07
CA ARG A 7 4.85 16.94 23.36
C ARG A 7 6.28 16.63 22.94
N VAL A 8 6.99 15.92 23.80
CA VAL A 8 8.37 15.60 23.51
C VAL A 8 8.79 14.22 23.96
N TRP A 9 9.54 13.55 23.09
CA TRP A 9 10.10 12.24 23.38
C TRP A 9 11.60 12.44 23.57
N LEU A 10 12.09 12.10 24.75
CA LEU A 10 13.50 12.25 25.05
C LEU A 10 14.24 10.93 24.85
N ASN A 11 15.52 11.03 24.51
CA ASN A 11 16.37 9.87 24.31
C ASN A 11 15.85 8.81 23.35
N VAL A 12 15.60 9.21 22.11
CA VAL A 12 15.16 8.25 21.12
C VAL A 12 16.32 8.15 20.14
N THR A 13 16.59 6.95 19.65
CA THR A 13 17.64 6.76 18.67
C THR A 13 16.91 6.71 17.35
N PRO A 14 16.88 7.83 16.62
CA PRO A 14 16.19 7.94 15.34
C PRO A 14 16.80 7.38 14.07
N ALA A 15 16.01 6.56 13.37
CA ALA A 15 16.38 6.01 12.07
C ALA A 15 15.45 6.91 11.26
N THR A 16 15.97 8.07 10.88
CA THR A 16 15.18 9.06 10.16
C THR A 16 14.72 8.66 8.79
N LEU A 17 15.49 7.79 8.14
CA LEU A 17 15.17 7.36 6.80
C LEU A 17 15.04 8.55 5.88
N ARG A 18 15.92 9.53 6.11
CA ARG A 18 15.95 10.73 5.29
C ARG A 18 16.51 10.39 3.92
N SER A 19 15.94 11.00 2.88
CA SER A 19 16.39 10.75 1.53
C SER A 19 17.85 11.15 1.29
N ASP A 20 18.33 12.15 2.03
CA ASP A 20 19.71 12.62 1.87
C ASP A 20 20.74 11.91 2.75
N LEU A 21 20.28 11.00 3.60
CA LEU A 21 21.18 10.26 4.48
C LEU A 21 21.32 8.83 4.01
N ALA A 22 22.51 8.26 4.15
CA ALA A 22 22.75 6.89 3.71
C ALA A 22 22.00 5.85 4.56
N ASP A 23 21.75 4.69 3.95
CA ASP A 23 21.09 3.59 4.63
C ASP A 23 19.82 3.98 5.38
N TYR A 24 19.81 3.76 6.69
CA TYR A 24 18.64 4.05 7.52
C TYR A 24 18.56 5.48 8.01
N GLY A 25 19.62 6.24 7.79
CA GLY A 25 19.62 7.62 8.26
C GLY A 25 19.59 7.64 9.79
N LEU A 26 20.27 6.68 10.41
CA LEU A 26 20.35 6.59 11.87
C LEU A 26 21.20 7.72 12.46
N LEU A 27 20.74 8.25 13.59
CA LEU A 27 21.43 9.33 14.29
C LEU A 27 21.65 8.96 15.75
N GLU A 28 22.46 9.76 16.42
CA GLU A 28 22.74 9.58 17.84
C GLU A 28 21.44 9.92 18.58
N PRO A 29 21.36 9.60 19.87
CA PRO A 29 20.14 9.92 20.63
C PRO A 29 19.68 11.36 20.42
N HIS A 30 18.38 11.53 20.25
CA HIS A 30 17.78 12.83 20.03
C HIS A 30 16.55 13.01 20.90
N ALA A 31 16.00 14.22 20.85
CA ALA A 31 14.78 14.55 21.57
C ALA A 31 13.87 14.91 20.40
N LEU A 32 12.70 14.30 20.37
CA LEU A 32 11.77 14.56 19.27
C LEU A 32 10.56 15.31 19.79
N GLY A 33 10.38 16.54 19.32
CA GLY A 33 9.25 17.33 19.75
C GLY A 33 8.22 17.51 18.65
N VAL A 34 6.94 17.44 19.00
CA VAL A 34 5.90 17.60 18.00
C VAL A 34 5.00 18.77 18.34
N HIS A 35 4.45 19.39 17.31
CA HIS A 35 3.55 20.51 17.51
C HIS A 35 2.49 20.49 16.43
N GLU A 36 1.23 20.46 16.86
CA GLU A 36 0.10 20.45 15.95
C GLU A 36 0.18 19.36 14.89
N GLY A 37 0.40 18.13 15.35
CA GLY A 37 0.48 16.99 14.46
C GLY A 37 1.72 16.86 13.59
N ARG A 38 2.68 17.76 13.77
CA ARG A 38 3.89 17.70 12.96
C ARG A 38 5.15 17.63 13.79
N ILE A 39 6.19 17.03 13.22
CA ILE A 39 7.48 16.94 13.90
C ILE A 39 7.95 18.38 13.95
N HIS A 40 8.04 18.93 15.16
CA HIS A 40 8.45 20.32 15.33
C HIS A 40 9.94 20.53 15.54
N ALA A 41 10.61 19.53 16.09
CA ALA A 41 12.04 19.64 16.33
C ALA A 41 12.72 18.32 16.63
N LEU A 42 13.96 18.21 16.17
CA LEU A 42 14.79 17.03 16.38
C LEU A 42 16.11 17.56 16.91
N VAL A 43 16.35 17.37 18.20
CA VAL A 43 17.57 17.88 18.81
C VAL A 43 18.42 16.83 19.49
N PRO A 44 19.73 16.84 19.25
CA PRO A 44 20.65 15.86 19.86
C PRO A 44 20.61 15.97 21.38
N MSE A 45 20.50 14.83 22.06
CA MSE A 45 20.46 14.80 23.51
C MSE A 45 21.67 15.46 24.15
O MSE A 45 21.59 15.98 25.26
CB MSE A 45 20.35 13.36 24.02
CG MSE A 45 18.97 12.75 23.81
SE MSE A 45 17.56 13.91 24.50
CE MSE A 45 17.85 13.63 26.41
N GLN A 46 22.79 15.45 23.45
CA GLN A 46 24.01 16.06 23.96
C GLN A 46 23.92 17.58 24.00
N ASP A 47 22.96 18.15 23.29
CA ASP A 47 22.79 19.59 23.28
C ASP A 47 21.78 19.97 24.35
N LEU A 48 21.31 18.97 25.09
CA LEU A 48 20.33 19.20 26.15
C LEU A 48 20.82 18.66 27.48
N LYS A 49 20.30 19.24 28.56
CA LYS A 49 20.69 18.84 29.90
C LYS A 49 19.70 19.44 30.89
N TYR A 52 11.48 17.59 32.94
CA TYR A 52 12.52 18.05 32.02
C TYR A 52 11.91 19.20 31.25
N PRO A 53 10.59 19.48 31.41
CA PRO A 53 9.28 19.19 32.02
C PRO A 53 8.89 18.10 33.00
N ALA A 54 8.30 17.01 32.52
CA ALA A 54 7.88 15.94 33.42
C ALA A 54 6.89 15.05 32.70
N HIS A 55 6.22 15.62 31.71
CA HIS A 55 5.28 14.84 30.92
C HIS A 55 6.05 14.46 29.67
N TRP A 56 7.32 14.82 29.67
CA TRP A 56 8.20 14.51 28.56
C TRP A 56 8.64 13.09 28.73
N GLN A 57 8.23 12.26 27.79
CA GLN A 57 8.54 10.86 27.84
C GLN A 57 9.95 10.47 27.45
N ASP A 58 10.59 9.71 28.34
CA ASP A 58 11.96 9.25 28.15
C ASP A 58 11.95 7.84 27.59
N MSE A 59 12.27 7.71 26.31
CA MSE A 59 12.29 6.40 25.66
C MSE A 59 13.56 5.62 25.98
O MSE A 59 13.73 4.48 25.57
CB MSE A 59 12.12 6.59 24.16
CG MSE A 59 10.80 7.25 23.80
SE MSE A 59 9.28 6.20 24.49
CE MSE A 59 8.68 7.41 25.89
N LYS A 60 14.45 6.26 26.73
CA LYS A 60 15.70 5.65 27.16
C LYS A 60 16.54 5.03 26.04
N GLY A 61 16.70 5.76 24.95
CA GLY A 61 17.50 5.28 23.85
C GLY A 61 16.86 4.32 22.86
N LYS A 62 15.60 3.96 23.06
CA LYS A 62 14.95 3.04 22.14
C LYS A 62 14.85 3.62 20.74
N LEU A 63 14.92 2.74 19.76
CA LEU A 63 14.85 3.08 18.34
C LEU A 63 13.50 3.67 17.96
N VAL A 64 13.52 4.70 17.12
CA VAL A 64 12.29 5.32 16.65
C VAL A 64 12.40 5.44 15.13
N THR A 65 11.33 5.09 14.43
CA THR A 65 11.31 5.15 12.97
C THR A 65 10.01 5.76 12.52
N PRO A 66 9.93 6.16 11.24
CA PRO A 66 8.66 6.74 10.80
C PRO A 66 7.64 5.60 10.78
N GLY A 67 6.35 5.93 10.78
CA GLY A 67 5.34 4.90 10.75
C GLY A 67 5.42 4.12 9.45
N LEU A 68 5.04 2.85 9.46
CA LEU A 68 5.09 2.04 8.25
C LEU A 68 3.90 2.34 7.35
N ILE A 69 4.10 2.15 6.04
CA ILE A 69 3.06 2.45 5.06
C ILE A 69 2.94 1.33 4.05
N ASP A 70 1.76 0.75 3.87
CA ASP A 70 1.65 -0.26 2.84
C ASP A 70 0.61 0.22 1.82
N CYS A 71 1.18 0.69 0.71
CA CYS A 71 0.51 1.33 -0.41
C CYS A 71 -0.22 0.50 -1.44
N HIS A 72 -0.57 -0.74 -1.13
CA HIS A 72 -1.25 -1.57 -2.12
C HIS A 72 -2.04 -2.75 -1.50
N THR A 73 -3.26 -2.49 -1.05
CA THR A 73 -4.06 -3.56 -0.47
C THR A 73 -5.48 -3.61 -0.99
N HIS A 74 -6.09 -4.79 -0.84
CA HIS A 74 -7.49 -5.05 -1.20
C HIS A 74 -8.02 -5.70 0.07
N LEU A 75 -7.74 -5.10 1.22
CA LEU A 75 -8.19 -5.69 2.47
C LEU A 75 -9.70 -5.63 2.74
N ILE A 76 -10.45 -4.98 1.86
CA ILE A 76 -11.90 -4.93 2.03
C ILE A 76 -12.50 -5.96 1.09
N PHE A 77 -13.25 -6.92 1.62
CA PHE A 77 -13.85 -7.94 0.78
C PHE A 77 -14.60 -8.90 1.68
N ALA A 78 -15.53 -9.65 1.10
CA ALA A 78 -16.30 -10.65 1.84
C ALA A 78 -16.09 -12.00 1.17
N GLY A 79 -16.64 -13.06 1.75
CA GLY A 79 -16.50 -14.37 1.18
C GLY A 79 -15.17 -14.99 1.56
N SER A 80 -14.96 -16.23 1.10
CA SER A 80 -13.74 -16.96 1.38
C SER A 80 -13.44 -17.89 0.20
N ARG A 81 -12.18 -17.93 -0.21
CA ARG A 81 -11.77 -18.80 -1.30
C ARG A 81 -10.96 -19.98 -0.76
N ALA A 82 -10.93 -20.16 0.56
CA ALA A 82 -10.17 -21.26 1.16
C ALA A 82 -10.61 -22.62 0.62
N GLU A 83 -11.93 -22.85 0.57
CA GLU A 83 -12.44 -24.13 0.06
C GLU A 83 -12.06 -24.34 -1.39
N GLU A 84 -12.15 -23.27 -2.19
CA GLU A 84 -11.79 -23.35 -3.59
C GLU A 84 -10.31 -23.77 -3.67
N PHE A 85 -9.49 -23.15 -2.84
CA PHE A 85 -8.07 -23.48 -2.78
C PHE A 85 -7.85 -24.95 -2.44
N GLU A 86 -8.60 -25.43 -1.47
CA GLU A 86 -8.51 -26.82 -1.05
C GLU A 86 -8.86 -27.75 -2.21
N LEU A 87 -9.90 -27.42 -2.97
CA LEU A 87 -10.27 -28.24 -4.10
C LEU A 87 -9.11 -28.32 -5.08
N ARG A 88 -8.43 -27.19 -5.30
CA ARG A 88 -7.28 -27.16 -6.20
C ARG A 88 -6.15 -28.03 -5.67
N GLN A 89 -5.84 -27.90 -4.38
CA GLN A 89 -4.76 -28.68 -3.81
C GLN A 89 -5.06 -30.18 -3.89
N LYS A 90 -6.34 -30.52 -3.87
CA LYS A 90 -6.78 -31.91 -3.96
C LYS A 90 -6.72 -32.46 -5.38
N GLY A 91 -6.60 -31.58 -6.37
CA GLY A 91 -6.53 -32.07 -7.73
C GLY A 91 -7.77 -31.83 -8.57
N VAL A 92 -8.75 -31.11 -8.04
CA VAL A 92 -9.93 -30.84 -8.84
C VAL A 92 -9.52 -29.83 -9.92
N PRO A 93 -9.75 -30.18 -11.20
CA PRO A 93 -9.40 -29.32 -12.33
C PRO A 93 -9.98 -27.91 -12.24
N TYR A 94 -9.14 -26.92 -12.53
CA TYR A 94 -9.57 -25.54 -12.47
C TYR A 94 -10.86 -25.26 -13.23
N ALA A 95 -11.02 -25.89 -14.38
CA ALA A 95 -12.22 -25.69 -15.19
C ALA A 95 -13.47 -26.04 -14.40
N GLU A 96 -13.43 -27.13 -13.65
CA GLU A 96 -14.59 -27.54 -12.87
C GLU A 96 -14.87 -26.49 -11.79
N ILE A 97 -13.81 -26.08 -11.09
CA ILE A 97 -13.94 -25.09 -10.04
C ILE A 97 -14.56 -23.81 -10.58
N ALA A 98 -14.12 -23.41 -11.77
CA ALA A 98 -14.63 -22.20 -12.39
C ALA A 98 -16.12 -22.24 -12.70
N ARG A 99 -16.58 -23.30 -13.36
CA ARG A 99 -18.00 -23.37 -13.72
C ARG A 99 -18.93 -23.36 -12.51
N LYS A 100 -18.42 -23.72 -11.34
CA LYS A 100 -19.26 -23.69 -10.16
C LYS A 100 -19.17 -22.34 -9.44
N GLY A 101 -18.42 -21.40 -10.02
CA GLY A 101 -18.31 -20.07 -9.44
C GLY A 101 -16.99 -19.63 -8.84
N GLY A 102 -15.97 -20.48 -8.98
CA GLY A 102 -14.66 -20.15 -8.42
C GLY A 102 -13.99 -19.01 -9.16
N GLY A 103 -12.99 -18.41 -8.54
CA GLY A 103 -12.28 -17.31 -9.17
C GLY A 103 -12.62 -15.98 -8.55
N ILE A 104 -12.06 -14.90 -9.10
CA ILE A 104 -12.32 -13.55 -8.57
C ILE A 104 -13.82 -13.24 -8.55
N ILE A 105 -14.56 -13.78 -9.51
CA ILE A 105 -15.99 -13.52 -9.55
C ILE A 105 -16.64 -13.94 -8.23
N SER A 106 -16.09 -15.00 -7.64
CA SER A 106 -16.59 -15.52 -6.37
C SER A 106 -16.49 -14.47 -5.30
N THR A 107 -15.37 -13.74 -5.27
CA THR A 107 -15.17 -12.69 -4.30
C THR A 107 -16.09 -11.52 -4.61
N VAL A 108 -16.29 -11.26 -5.90
CA VAL A 108 -17.16 -10.17 -6.33
C VAL A 108 -18.60 -10.41 -5.91
N ARG A 109 -19.07 -11.66 -6.06
CA ARG A 109 -20.45 -11.97 -5.69
C ARG A 109 -20.63 -11.85 -4.18
N ALA A 110 -19.64 -12.33 -3.42
CA ALA A 110 -19.71 -12.26 -1.97
C ALA A 110 -19.72 -10.80 -1.53
N THR A 111 -18.81 -10.01 -2.08
CA THR A 111 -18.71 -8.60 -1.72
C THR A 111 -19.93 -7.78 -2.13
N ARG A 112 -20.50 -8.05 -3.30
CA ARG A 112 -21.70 -7.32 -3.73
C ARG A 112 -22.82 -7.61 -2.73
N ALA A 113 -22.94 -8.88 -2.38
CA ALA A 113 -23.98 -9.33 -1.46
C ALA A 113 -23.79 -8.83 -0.04
N ALA A 114 -22.56 -8.61 0.39
CA ALA A 114 -22.32 -8.15 1.74
C ALA A 114 -22.74 -6.70 1.90
N SER A 115 -23.29 -6.35 3.07
CA SER A 115 -23.70 -4.98 3.30
C SER A 115 -22.48 -4.16 3.68
N GLU A 116 -22.62 -2.84 3.55
CA GLU A 116 -21.55 -1.91 3.89
C GLU A 116 -21.11 -2.16 5.33
N ASP A 117 -22.07 -2.32 6.23
CA ASP A 117 -21.74 -2.56 7.64
C ASP A 117 -20.97 -3.86 7.83
N GLN A 118 -21.32 -4.89 7.07
CA GLN A 118 -20.67 -6.19 7.17
C GLN A 118 -19.21 -6.10 6.71
N LEU A 119 -18.98 -5.43 5.59
CA LEU A 119 -17.62 -5.28 5.07
C LEU A 119 -16.76 -4.55 6.07
N PHE A 120 -17.33 -3.53 6.71
CA PHE A 120 -16.60 -2.76 7.72
C PHE A 120 -16.21 -3.69 8.87
N GLU A 121 -17.18 -4.44 9.39
CA GLU A 121 -16.92 -5.37 10.48
C GLU A 121 -15.88 -6.42 10.07
N LEU A 122 -15.93 -6.88 8.82
CA LEU A 122 -14.97 -7.89 8.36
C LEU A 122 -13.57 -7.31 8.20
N ALA A 123 -13.49 -6.02 7.88
CA ALA A 123 -12.21 -5.35 7.67
C ALA A 123 -11.51 -4.89 8.94
N LEU A 124 -12.27 -4.59 9.99
CA LEU A 124 -11.70 -4.13 11.25
C LEU A 124 -10.54 -4.95 11.78
N PRO A 125 -10.74 -6.26 11.98
CA PRO A 125 -9.66 -7.13 12.47
C PRO A 125 -8.44 -7.20 11.55
N ARG A 126 -8.65 -7.04 10.25
CA ARG A 126 -7.55 -7.08 9.29
C ARG A 126 -6.66 -5.87 9.48
N VAL A 127 -7.27 -4.70 9.59
CA VAL A 127 -6.54 -3.46 9.81
C VAL A 127 -5.84 -3.49 11.17
N LYS A 128 -6.48 -4.09 12.18
CA LYS A 128 -5.88 -4.13 13.49
C LYS A 128 -4.54 -4.88 13.47
N SER A 129 -4.43 -5.89 12.61
CA SER A 129 -3.16 -6.63 12.53
C SER A 129 -2.06 -5.73 11.97
N LEU A 130 -2.41 -4.89 11.00
CA LEU A 130 -1.42 -3.99 10.40
C LEU A 130 -1.00 -2.94 11.41
N ILE A 131 -1.97 -2.43 12.16
CA ILE A 131 -1.72 -1.40 13.17
C ILE A 131 -0.67 -1.85 14.17
N ARG A 132 -0.83 -3.04 14.75
CA ARG A 132 0.15 -3.50 15.73
C ARG A 132 1.51 -3.83 15.12
N GLU A 133 1.60 -3.89 13.78
CA GLU A 133 2.87 -4.16 13.12
C GLU A 133 3.62 -2.84 12.89
N GLY A 134 2.91 -1.73 13.07
CA GLY A 134 3.51 -0.42 12.88
C GLY A 134 3.00 0.35 11.67
N VAL A 135 2.02 -0.22 10.96
CA VAL A 135 1.47 0.46 9.78
C VAL A 135 0.61 1.65 10.23
N THR A 136 0.99 2.85 9.82
CA THR A 136 0.24 4.05 10.19
C THR A 136 -0.57 4.64 9.03
N THR A 137 -0.26 4.19 7.82
CA THR A 137 -0.99 4.63 6.63
C THR A 137 -1.15 3.41 5.74
N VAL A 138 -2.37 3.16 5.30
CA VAL A 138 -2.63 2.02 4.43
C VAL A 138 -3.48 2.49 3.26
N GLU A 139 -3.21 1.94 2.09
CA GLU A 139 -3.97 2.26 0.90
C GLU A 139 -4.91 1.07 0.68
N ILE A 140 -6.19 1.36 0.42
CA ILE A 140 -7.17 0.31 0.20
C ILE A 140 -7.90 0.56 -1.13
N LYS A 141 -8.11 -0.50 -1.89
CA LYS A 141 -8.74 -0.38 -3.20
C LYS A 141 -10.18 -0.94 -3.24
N SER A 142 -10.91 -0.56 -4.28
CA SER A 142 -12.25 -1.08 -4.50
C SER A 142 -11.95 -2.21 -5.50
N GLY A 143 -12.85 -2.51 -6.43
CA GLY A 143 -12.54 -3.57 -7.37
C GLY A 143 -13.17 -4.94 -7.15
N TYR A 144 -13.97 -5.09 -6.09
CA TYR A 144 -14.65 -6.37 -5.84
C TYR A 144 -16.15 -6.16 -5.89
N GLY A 145 -16.55 -5.01 -6.42
CA GLY A 145 -17.94 -4.66 -6.53
C GLY A 145 -18.41 -4.73 -7.98
N LEU A 146 -17.68 -4.07 -8.87
CA LEU A 146 -17.99 -4.07 -10.29
C LEU A 146 -19.40 -3.56 -10.67
N THR A 147 -19.84 -2.52 -9.98
CA THR A 147 -21.09 -1.83 -10.23
C THR A 147 -20.84 -0.49 -9.54
N LEU A 148 -21.52 0.56 -9.97
CA LEU A 148 -21.30 1.87 -9.36
C LEU A 148 -21.50 1.84 -7.85
N GLU A 149 -22.66 1.36 -7.40
CA GLU A 149 -22.99 1.32 -5.97
C GLU A 149 -22.02 0.50 -5.15
N ASP A 150 -21.67 -0.68 -5.65
CA ASP A 150 -20.77 -1.57 -4.91
C ASP A 150 -19.32 -1.08 -4.86
N GLU A 151 -18.88 -0.35 -5.90
CA GLU A 151 -17.53 0.18 -5.88
C GLU A 151 -17.48 1.33 -4.87
N LEU A 152 -18.46 2.22 -4.92
CA LEU A 152 -18.49 3.34 -3.98
C LEU A 152 -18.70 2.87 -2.55
N LYS A 153 -19.47 1.80 -2.36
CA LYS A 153 -19.67 1.32 -1.01
C LYS A 153 -18.35 0.84 -0.41
N MSE A 154 -17.50 0.22 -1.23
CA MSE A 154 -16.19 -0.23 -0.73
C MSE A 154 -15.37 0.98 -0.33
O MSE A 154 -14.73 1.00 0.72
CB MSE A 154 -15.44 -1.04 -1.79
CG MSE A 154 -16.15 -2.34 -2.17
SE MSE A 154 -15.11 -3.44 -3.35
CE MSE A 154 -15.38 -2.43 -4.97
N LEU A 155 -15.38 2.03 -1.16
CA LEU A 155 -14.64 3.25 -0.84
C LEU A 155 -15.14 3.86 0.46
N ARG A 156 -16.44 3.78 0.71
CA ARG A 156 -17.01 4.34 1.94
C ARG A 156 -16.54 3.54 3.16
N VAL A 157 -16.50 2.21 3.03
CA VAL A 157 -16.04 1.39 4.13
C VAL A 157 -14.61 1.81 4.45
N ALA A 158 -13.81 1.99 3.41
CA ALA A 158 -12.43 2.39 3.57
C ALA A 158 -12.37 3.73 4.33
N ARG A 159 -13.22 4.68 3.97
CA ARG A 159 -13.27 5.97 4.65
C ARG A 159 -13.66 5.77 6.12
N ARG A 160 -14.62 4.89 6.36
CA ARG A 160 -15.08 4.60 7.72
C ARG A 160 -13.95 4.05 8.57
N LEU A 161 -13.18 3.11 8.00
CA LEU A 161 -12.07 2.51 8.71
C LEU A 161 -11.08 3.57 9.21
N GLY A 162 -10.80 4.56 8.35
CA GLY A 162 -9.87 5.62 8.72
C GLY A 162 -10.38 6.47 9.85
N GLU A 163 -11.70 6.63 9.93
CA GLU A 163 -12.31 7.43 10.98
C GLU A 163 -12.40 6.65 12.28
N ALA A 164 -12.72 5.37 12.16
CA ALA A 164 -12.88 4.52 13.33
C ALA A 164 -11.59 4.06 14.01
N LEU A 165 -10.51 3.98 13.26
CA LEU A 165 -9.23 3.54 13.80
C LEU A 165 -8.14 4.59 13.64
N PRO A 166 -7.12 4.55 14.51
CA PRO A 166 -5.99 5.48 14.47
C PRO A 166 -5.02 5.11 13.35
N ILE A 167 -5.45 5.30 12.10
CA ILE A 167 -4.63 4.96 10.95
C ILE A 167 -5.09 5.82 9.78
N ARG A 168 -4.16 6.21 8.91
CA ARG A 168 -4.50 7.02 7.74
C ARG A 168 -4.87 6.06 6.60
N VAL A 169 -5.90 6.41 5.85
CA VAL A 169 -6.33 5.57 4.75
C VAL A 169 -6.43 6.32 3.43
N LYS A 170 -5.80 5.77 2.41
CA LYS A 170 -5.85 6.35 1.09
C LYS A 170 -6.72 5.39 0.30
N THR A 171 -7.71 5.93 -0.40
CA THR A 171 -8.61 5.09 -1.15
C THR A 171 -8.24 5.11 -2.62
N THR A 172 -8.45 3.99 -3.28
CA THR A 172 -8.16 3.91 -4.69
C THR A 172 -9.30 3.21 -5.38
N LEU A 173 -9.83 3.87 -6.41
CA LEU A 173 -10.91 3.28 -7.18
C LEU A 173 -10.28 2.32 -8.17
N LEU A 174 -10.66 1.05 -8.10
CA LEU A 174 -10.14 0.04 -8.99
C LEU A 174 -11.32 -0.67 -9.63
N ALA A 175 -12.17 0.07 -10.31
CA ALA A 175 -13.35 -0.51 -10.96
C ALA A 175 -12.96 -1.43 -12.13
N ALA A 176 -11.83 -1.12 -12.77
CA ALA A 176 -11.37 -1.93 -13.89
C ALA A 176 -10.43 -3.05 -13.44
N HIS A 177 -10.85 -3.80 -12.43
CA HIS A 177 -10.04 -4.91 -11.94
C HIS A 177 -10.36 -6.13 -12.80
N ALA A 178 -11.61 -6.17 -13.27
CA ALA A 178 -12.12 -7.24 -14.12
C ALA A 178 -13.41 -6.74 -14.76
N VAL A 179 -13.87 -7.46 -15.78
CA VAL A 179 -15.11 -7.11 -16.47
C VAL A 179 -16.25 -7.88 -15.80
N PRO A 180 -17.21 -7.17 -15.20
CA PRO A 180 -18.33 -7.85 -14.54
C PRO A 180 -19.14 -8.74 -15.47
N PRO A 181 -19.82 -9.75 -14.90
CA PRO A 181 -20.66 -10.72 -15.64
C PRO A 181 -21.65 -10.07 -16.59
N GLU A 182 -22.29 -8.99 -16.14
CA GLU A 182 -23.29 -8.29 -16.94
C GLU A 182 -22.72 -7.63 -18.20
N TYR A 183 -21.39 -7.48 -18.25
CA TYR A 183 -20.72 -6.87 -19.39
C TYR A 183 -19.78 -7.86 -20.08
N ARG A 184 -19.96 -9.15 -19.79
CA ARG A 184 -19.10 -10.20 -20.36
C ARG A 184 -18.86 -10.13 -21.87
N ASP A 185 -19.92 -9.92 -22.66
CA ASP A 185 -19.78 -9.86 -24.11
C ASP A 185 -19.59 -8.43 -24.60
N ASP A 186 -19.45 -7.49 -23.66
CA ASP A 186 -19.26 -6.07 -24.01
C ASP A 186 -18.24 -5.40 -23.09
N PRO A 187 -16.98 -5.86 -23.16
CA PRO A 187 -15.93 -5.28 -22.32
C PRO A 187 -15.79 -3.76 -22.40
N ASP A 188 -16.09 -3.21 -23.57
CA ASP A 188 -15.95 -1.79 -23.82
C ASP A 188 -17.04 -0.90 -23.25
N SER A 189 -18.22 -1.45 -22.98
CA SER A 189 -19.25 -0.61 -22.41
C SER A 189 -19.02 -0.45 -20.92
N TRP A 190 -18.35 -1.43 -20.31
CA TRP A 190 -18.03 -1.37 -18.89
C TRP A 190 -17.03 -0.22 -18.70
N VAL A 191 -16.14 -0.06 -19.67
CA VAL A 191 -15.15 1.01 -19.58
C VAL A 191 -15.80 2.39 -19.61
N GLU A 192 -16.87 2.53 -20.39
CA GLU A 192 -17.55 3.81 -20.46
C GLU A 192 -18.30 4.12 -19.17
N THR A 193 -18.89 3.09 -18.56
CA THR A 193 -19.61 3.26 -17.31
C THR A 193 -18.62 3.79 -16.29
N ILE A 194 -17.41 3.26 -16.35
CA ILE A 194 -16.36 3.69 -15.42
C ILE A 194 -16.05 5.15 -15.65
N CYS A 195 -15.76 5.49 -16.90
CA CYS A 195 -15.39 6.85 -17.24
C CYS A 195 -16.48 7.89 -17.10
N GLN A 196 -17.72 7.54 -17.43
CA GLN A 196 -18.80 8.53 -17.37
C GLN A 196 -19.69 8.48 -16.14
N GLU A 197 -19.63 7.42 -15.34
CA GLU A 197 -20.49 7.35 -14.17
C GLU A 197 -19.79 7.08 -12.85
N ILE A 198 -19.01 6.00 -12.81
CA ILE A 198 -18.33 5.61 -11.59
C ILE A 198 -17.24 6.57 -11.13
N ILE A 199 -16.32 6.92 -12.01
CA ILE A 199 -15.28 7.87 -11.63
C ILE A 199 -15.95 9.20 -11.21
N PRO A 200 -16.88 9.73 -12.03
CA PRO A 200 -17.57 10.99 -11.70
C PRO A 200 -18.30 10.94 -10.37
N ALA A 201 -19.07 9.87 -10.14
CA ALA A 201 -19.83 9.74 -8.90
C ALA A 201 -18.87 9.63 -7.72
N ALA A 202 -17.77 8.92 -7.91
CA ALA A 202 -16.78 8.75 -6.85
C ALA A 202 -16.15 10.10 -6.51
N ALA A 203 -15.76 10.83 -7.54
CA ALA A 203 -15.14 12.14 -7.35
C ALA A 203 -16.09 13.11 -6.68
N GLU A 204 -17.33 13.17 -7.19
CA GLU A 204 -18.33 14.06 -6.63
C GLU A 204 -18.51 13.82 -5.14
N ALA A 205 -18.42 12.55 -4.73
CA ALA A 205 -18.58 12.20 -3.33
C ALA A 205 -17.26 12.28 -2.53
N GLY A 206 -16.17 12.64 -3.21
CA GLY A 206 -14.89 12.73 -2.52
C GLY A 206 -14.47 11.39 -1.91
N LEU A 207 -14.76 10.30 -2.62
CA LEU A 207 -14.46 8.96 -2.14
C LEU A 207 -13.18 8.30 -2.67
N ALA A 208 -12.60 8.83 -3.74
CA ALA A 208 -11.41 8.24 -4.32
C ALA A 208 -10.19 9.16 -4.33
N ASP A 209 -9.09 8.71 -3.74
CA ASP A 209 -7.88 9.51 -3.71
C ASP A 209 -7.08 9.27 -4.98
N ALA A 210 -7.30 8.11 -5.60
CA ALA A 210 -6.63 7.77 -6.85
C ALA A 210 -7.43 6.72 -7.63
N VAL A 211 -7.03 6.49 -8.88
CA VAL A 211 -7.67 5.51 -9.75
C VAL A 211 -6.62 4.50 -10.21
N ASP A 212 -6.99 3.23 -10.25
CA ASP A 212 -6.09 2.14 -10.63
C ASP A 212 -6.73 1.17 -11.64
N VAL A 213 -5.90 0.48 -12.40
CA VAL A 213 -6.38 -0.46 -13.43
C VAL A 213 -5.59 -1.76 -13.44
N PHE A 214 -6.30 -2.85 -13.74
CA PHE A 214 -5.62 -4.12 -13.87
C PHE A 214 -5.40 -4.32 -15.37
N CYS A 215 -4.25 -3.86 -15.84
CA CYS A 215 -3.90 -3.99 -17.25
C CYS A 215 -3.26 -5.35 -17.48
N GLU A 216 -4.01 -6.27 -18.07
CA GLU A 216 -3.48 -7.60 -18.31
C GLU A 216 -4.33 -8.33 -19.36
N HIS A 217 -3.79 -9.42 -19.93
CA HIS A 217 -4.53 -10.17 -20.94
C HIS A 217 -5.85 -10.68 -20.35
N ILE A 218 -5.83 -11.06 -19.08
CA ILE A 218 -7.04 -11.54 -18.41
C ILE A 218 -7.69 -10.34 -17.71
N GLY A 219 -7.26 -9.15 -18.09
CA GLY A 219 -7.82 -7.94 -17.51
C GLY A 219 -8.24 -6.98 -18.60
N PHE A 220 -7.65 -5.79 -18.58
CA PHE A 220 -7.99 -4.77 -19.55
C PHE A 220 -6.82 -4.44 -20.45
N SER A 221 -7.13 -4.12 -21.71
CA SER A 221 -6.10 -3.80 -22.69
C SER A 221 -5.46 -2.45 -22.40
N LEU A 222 -4.38 -2.15 -23.12
CA LEU A 222 -3.67 -0.90 -22.96
C LEU A 222 -4.62 0.25 -23.34
N ALA A 223 -5.40 0.03 -24.40
CA ALA A 223 -6.36 1.03 -24.88
C ALA A 223 -7.45 1.31 -23.84
N GLN A 224 -8.04 0.25 -23.31
CA GLN A 224 -9.09 0.39 -22.32
C GLN A 224 -8.52 1.07 -21.08
N THR A 225 -7.26 0.76 -20.78
CA THR A 225 -6.60 1.35 -19.62
C THR A 225 -6.43 2.85 -19.84
N GLU A 226 -6.02 3.23 -21.05
CA GLU A 226 -5.84 4.63 -21.37
C GLU A 226 -7.12 5.43 -21.22
N GLN A 227 -8.26 4.80 -21.52
CA GLN A 227 -9.56 5.44 -21.39
C GLN A 227 -9.81 5.93 -19.97
N VAL A 228 -9.66 5.01 -19.02
CA VAL A 228 -9.85 5.31 -17.60
C VAL A 228 -8.97 6.47 -17.19
N TYR A 229 -7.67 6.34 -17.41
CA TYR A 229 -6.74 7.39 -17.04
C TYR A 229 -7.16 8.76 -17.53
N LEU A 230 -7.74 8.80 -18.72
CA LEU A 230 -8.19 10.06 -19.29
C LEU A 230 -9.31 10.63 -18.44
N ALA A 231 -10.23 9.77 -18.02
CA ALA A 231 -11.36 10.18 -17.21
C ALA A 231 -10.91 10.64 -15.83
N ALA A 232 -9.99 9.90 -15.22
CA ALA A 232 -9.48 10.24 -13.89
C ALA A 232 -8.87 11.63 -13.91
N ASP A 233 -8.14 11.92 -14.98
CA ASP A 233 -7.50 13.20 -15.16
C ASP A 233 -8.50 14.35 -15.14
N GLN A 234 -9.63 14.16 -15.82
CA GLN A 234 -10.67 15.17 -15.89
C GLN A 234 -11.22 15.57 -14.53
N TYR A 235 -11.23 14.63 -13.60
CA TYR A 235 -11.74 14.92 -12.27
C TYR A 235 -10.63 15.16 -11.26
N GLY A 236 -9.43 15.43 -11.78
CA GLY A 236 -8.29 15.71 -10.93
C GLY A 236 -7.91 14.60 -9.98
N LEU A 237 -7.94 13.37 -10.44
CA LEU A 237 -7.59 12.25 -9.59
C LEU A 237 -6.28 11.61 -10.05
N ALA A 238 -5.43 11.27 -9.08
CA ALA A 238 -4.14 10.65 -9.37
C ALA A 238 -4.39 9.25 -9.91
N VAL A 239 -3.41 8.69 -10.62
CA VAL A 239 -3.55 7.35 -11.19
C VAL A 239 -2.39 6.41 -10.88
N LYS A 240 -2.60 5.13 -11.15
CA LYS A 240 -1.61 4.10 -10.91
C LYS A 240 -2.09 2.84 -11.63
N GLY A 241 -1.31 1.76 -11.61
CA GLY A 241 -1.75 0.56 -12.29
C GLY A 241 -1.17 -0.78 -11.89
N HIS A 242 -1.95 -1.83 -12.14
CA HIS A 242 -1.56 -3.21 -11.87
C HIS A 242 -0.93 -3.66 -13.19
N MSE A 243 0.39 -3.75 -13.28
CA MSE A 243 0.96 -4.18 -14.55
C MSE A 243 2.16 -5.07 -14.61
O MSE A 243 2.98 -5.15 -13.68
CB MSE A 243 1.20 -2.97 -15.46
CG MSE A 243 -0.04 -2.50 -16.20
SE MSE A 243 -0.25 -0.69 -15.74
CE MSE A 243 -2.00 -0.28 -16.45
N ASP A 244 2.25 -5.75 -15.75
CA ASP A 244 3.32 -6.70 -16.04
C ASP A 244 3.39 -7.81 -15.01
N GLN A 245 2.26 -8.13 -14.39
CA GLN A 245 2.20 -9.20 -13.40
C GLN A 245 2.29 -10.57 -14.08
N LEU A 246 1.53 -10.73 -15.16
CA LEU A 246 1.50 -11.99 -15.90
C LEU A 246 1.94 -11.83 -17.36
N SER A 247 1.98 -10.58 -17.83
CA SER A 247 2.35 -10.28 -19.21
C SER A 247 2.65 -8.79 -19.41
N ASN A 248 3.37 -8.46 -20.48
CA ASN A 248 3.70 -7.06 -20.75
C ASN A 248 2.93 -6.50 -21.95
N LEU A 249 1.98 -5.61 -21.67
CA LEU A 249 1.17 -5.00 -22.73
C LEU A 249 1.62 -3.57 -23.01
N GLY A 250 2.63 -3.12 -22.27
CA GLY A 250 3.14 -1.76 -22.44
C GLY A 250 2.43 -0.79 -21.51
N GLY A 251 1.73 -1.34 -20.52
CA GLY A 251 1.00 -0.53 -19.57
C GLY A 251 1.87 0.38 -18.70
N SER A 252 3.03 -0.12 -18.29
CA SER A 252 3.92 0.67 -17.46
C SER A 252 4.36 1.98 -18.11
N THR A 253 4.67 1.93 -19.40
CA THR A 253 5.08 3.14 -20.11
C THR A 253 3.93 4.13 -20.14
N LEU A 254 2.73 3.63 -20.46
CA LEU A 254 1.53 4.45 -20.53
C LEU A 254 1.26 5.17 -19.20
N ALA A 255 1.36 4.42 -18.10
CA ALA A 255 1.14 4.98 -16.77
C ALA A 255 2.13 6.11 -16.52
N ALA A 256 3.38 5.88 -16.89
CA ALA A 256 4.44 6.86 -16.72
C ALA A 256 4.11 8.15 -17.45
N ASN A 257 3.53 8.03 -18.63
CA ASN A 257 3.17 9.19 -19.44
C ASN A 257 2.09 10.02 -18.75
N PHE A 258 1.23 9.35 -18.00
CA PHE A 258 0.15 10.03 -17.29
C PHE A 258 0.59 10.56 -15.94
N GLY A 259 1.87 10.40 -15.63
CA GLY A 259 2.37 10.87 -14.34
C GLY A 259 1.81 9.97 -13.25
N ALA A 260 1.79 8.67 -13.52
CA ALA A 260 1.28 7.71 -12.54
C ALA A 260 2.10 7.78 -11.26
N LEU A 261 1.42 7.64 -10.12
CA LEU A 261 2.10 7.66 -8.84
C LEU A 261 3.02 6.44 -8.78
N SER A 262 2.51 5.30 -9.24
CA SER A 262 3.29 4.06 -9.23
C SER A 262 2.69 2.98 -10.12
N VAL A 263 3.48 1.94 -10.36
CA VAL A 263 3.07 0.78 -11.15
C VAL A 263 3.35 -0.43 -10.26
N ASP A 264 2.40 -1.36 -10.19
CA ASP A 264 2.53 -2.51 -9.29
C ASP A 264 2.73 -3.87 -9.94
N HIS A 265 3.39 -4.77 -9.20
CA HIS A 265 3.71 -6.15 -9.59
C HIS A 265 5.01 -6.21 -10.40
N LEU A 266 4.98 -5.74 -11.65
CA LEU A 266 6.18 -5.68 -12.51
C LEU A 266 6.96 -6.95 -12.88
N GLU A 267 6.41 -8.14 -12.66
CA GLU A 267 7.13 -9.36 -13.00
C GLU A 267 7.73 -9.35 -14.41
N TYR A 268 6.99 -8.77 -15.35
CA TYR A 268 7.42 -8.73 -16.75
C TYR A 268 7.82 -7.37 -17.28
N LEU A 269 8.18 -6.46 -16.38
CA LEU A 269 8.59 -5.13 -16.79
C LEU A 269 9.81 -5.22 -17.71
N ASP A 270 9.80 -4.43 -18.78
CA ASP A 270 10.89 -4.41 -19.77
C ASP A 270 11.82 -3.20 -19.61
N PRO A 271 12.96 -3.21 -20.34
CA PRO A 271 13.95 -2.13 -20.30
C PRO A 271 13.40 -0.75 -20.66
N GLU A 272 12.51 -0.67 -21.64
CA GLU A 272 11.93 0.61 -22.03
C GLU A 272 11.02 1.16 -20.93
N GLY A 273 10.24 0.27 -20.33
CA GLY A 273 9.34 0.69 -19.27
C GLY A 273 10.15 1.31 -18.15
N ILE A 274 11.25 0.65 -17.82
CA ILE A 274 12.13 1.11 -16.75
C ILE A 274 12.63 2.53 -16.98
N GLN A 275 13.06 2.84 -18.20
CA GLN A 275 13.55 4.18 -18.51
C GLN A 275 12.46 5.19 -18.26
N ALA A 276 11.26 4.86 -18.76
CA ALA A 276 10.09 5.72 -18.59
C ALA A 276 9.86 6.02 -17.12
N LEU A 277 9.79 4.98 -16.31
CA LEU A 277 9.56 5.13 -14.87
C LEU A 277 10.61 6.01 -14.22
N ALA A 278 11.88 5.77 -14.56
CA ALA A 278 12.97 6.54 -14.01
C ALA A 278 12.82 8.01 -14.37
N HIS A 279 12.49 8.28 -15.63
CA HIS A 279 12.34 9.65 -16.06
C HIS A 279 11.14 10.36 -15.44
N ARG A 280 9.98 9.72 -15.48
CA ARG A 280 8.77 10.31 -14.92
C ARG A 280 8.67 10.22 -13.40
N GLY A 281 9.69 9.66 -12.76
CA GLY A 281 9.67 9.55 -11.31
C GLY A 281 8.54 8.69 -10.75
N VAL A 282 8.19 7.63 -11.47
CA VAL A 282 7.14 6.70 -11.03
C VAL A 282 7.73 5.72 -10.02
N VAL A 283 6.97 5.34 -9.01
CA VAL A 283 7.47 4.38 -8.03
C VAL A 283 7.15 2.98 -8.51
N ALA A 284 8.07 2.04 -8.34
CA ALA A 284 7.81 0.66 -8.73
C ALA A 284 7.45 -0.10 -7.46
N THR A 285 6.24 -0.65 -7.38
CA THR A 285 5.82 -1.36 -6.18
C THR A 285 5.93 -2.88 -6.32
N LEU A 286 6.76 -3.48 -5.46
CA LEU A 286 6.97 -4.91 -5.48
C LEU A 286 5.95 -5.55 -4.54
N LEU A 287 5.36 -6.64 -5.01
CA LEU A 287 4.36 -7.37 -4.24
C LEU A 287 4.81 -8.84 -4.14
N PRO A 288 5.84 -9.09 -3.32
CA PRO A 288 6.41 -10.43 -3.13
C PRO A 288 5.47 -11.54 -2.63
N THR A 289 4.55 -11.20 -1.73
CA THR A 289 3.62 -12.20 -1.19
C THR A 289 2.73 -12.80 -2.27
N ALA A 290 2.37 -11.99 -3.26
CA ALA A 290 1.52 -12.48 -4.34
C ALA A 290 2.37 -13.43 -5.20
N PHE A 291 3.61 -13.03 -5.42
CA PHE A 291 4.55 -13.81 -6.20
C PHE A 291 4.71 -15.20 -5.56
N TYR A 292 4.77 -15.22 -4.24
CA TYR A 292 4.93 -16.45 -3.49
C TYR A 292 3.70 -17.36 -3.56
N PHE A 293 2.55 -16.80 -3.22
CA PHE A 293 1.32 -17.58 -3.17
C PHE A 293 0.89 -18.12 -4.51
N LEU A 294 1.20 -17.39 -5.58
CA LEU A 294 0.87 -17.81 -6.93
C LEU A 294 1.94 -18.74 -7.49
N LYS A 295 2.97 -19.03 -6.70
CA LYS A 295 4.03 -19.92 -7.14
C LYS A 295 4.66 -19.47 -8.47
N GLU A 296 4.73 -18.16 -8.66
CA GLU A 296 5.32 -17.58 -9.87
C GLU A 296 6.83 -17.85 -9.89
N THR A 297 7.42 -17.88 -11.08
CA THR A 297 8.86 -18.12 -11.22
C THR A 297 9.59 -16.95 -11.90
N LYS A 298 8.85 -16.13 -12.65
CA LYS A 298 9.42 -14.97 -13.35
C LYS A 298 9.59 -13.81 -12.36
N LEU A 299 10.82 -13.52 -11.99
CA LEU A 299 11.09 -12.46 -11.02
C LEU A 299 10.99 -11.06 -11.61
N PRO A 300 10.52 -10.08 -10.80
CA PRO A 300 10.43 -8.71 -11.32
C PRO A 300 11.88 -8.23 -11.55
N PRO A 301 12.09 -7.33 -12.52
CA PRO A 301 13.45 -6.84 -12.82
C PRO A 301 14.09 -5.94 -11.76
N VAL A 302 14.29 -6.50 -10.56
CA VAL A 302 14.87 -5.75 -9.46
C VAL A 302 16.24 -5.17 -9.80
N VAL A 303 17.14 -6.02 -10.28
CA VAL A 303 18.48 -5.54 -10.63
C VAL A 303 18.46 -4.35 -11.58
N ALA A 304 17.66 -4.43 -12.65
CA ALA A 304 17.58 -3.37 -13.64
C ALA A 304 16.97 -2.12 -13.03
N LEU A 305 15.97 -2.29 -12.17
CA LEU A 305 15.31 -1.16 -11.53
C LEU A 305 16.31 -0.44 -10.63
N ARG A 306 17.16 -1.19 -9.95
CA ARG A 306 18.16 -0.60 -9.08
C ARG A 306 19.17 0.19 -9.92
N LYS A 307 19.66 -0.43 -10.99
CA LYS A 307 20.63 0.22 -11.87
C LYS A 307 20.09 1.51 -12.45
N ALA A 308 18.79 1.53 -12.71
CA ALA A 308 18.13 2.70 -13.28
C ALA A 308 17.74 3.72 -12.20
N GLY A 309 17.86 3.36 -10.93
CA GLY A 309 17.52 4.28 -9.86
C GLY A 309 16.03 4.49 -9.60
N VAL A 310 15.20 3.56 -10.06
CA VAL A 310 13.76 3.66 -9.83
C VAL A 310 13.48 3.22 -8.40
N PRO A 311 12.85 4.09 -7.59
CA PRO A 311 12.56 3.70 -6.21
C PRO A 311 11.57 2.52 -6.18
N MSE A 312 11.81 1.57 -5.29
CA MSE A 312 10.93 0.43 -5.20
C MSE A 312 10.22 0.40 -3.86
O MSE A 312 10.85 0.49 -2.81
CB MSE A 312 11.73 -0.86 -5.38
CG MSE A 312 12.62 -0.83 -6.59
SE MSE A 312 13.73 -2.45 -6.71
CE MSE A 312 15.01 -2.11 -5.28
N ALA A 313 8.90 0.31 -3.90
CA ALA A 313 8.15 0.23 -2.67
C ALA A 313 7.88 -1.24 -2.45
N VAL A 314 7.53 -1.60 -1.23
CA VAL A 314 7.21 -2.99 -0.90
C VAL A 314 5.86 -2.96 -0.19
N SER A 315 4.93 -3.80 -0.63
CA SER A 315 3.62 -3.85 -0.03
C SER A 315 3.10 -5.29 0.05
N SER A 316 2.11 -5.49 0.92
CA SER A 316 1.49 -6.79 1.16
C SER A 316 0.55 -7.31 0.08
N ASP A 317 -0.16 -6.43 -0.62
CA ASP A 317 -1.11 -6.82 -1.65
C ASP A 317 -2.20 -7.72 -1.06
N ILE A 318 -2.52 -7.49 0.21
CA ILE A 318 -3.54 -8.26 0.89
C ILE A 318 -4.76 -8.37 0.00
N ASN A 319 -5.14 -9.59 -0.33
CA ASN A 319 -6.33 -9.80 -1.15
C ASN A 319 -6.72 -11.28 -1.09
N PRO A 320 -8.04 -11.55 -1.12
CA PRO A 320 -8.66 -12.87 -1.05
C PRO A 320 -8.18 -13.99 -1.96
N GLY A 321 -7.76 -13.68 -3.19
CA GLY A 321 -7.33 -14.75 -4.08
C GLY A 321 -5.85 -14.90 -4.39
N THR A 322 -5.11 -13.81 -4.24
CA THR A 322 -3.69 -13.81 -4.57
C THR A 322 -2.68 -13.69 -3.44
N ALA A 323 -2.99 -12.88 -2.42
CA ALA A 323 -2.10 -12.69 -1.29
C ALA A 323 -2.89 -12.62 0.01
N PRO A 324 -3.39 -13.76 0.46
CA PRO A 324 -4.19 -13.91 1.69
C PRO A 324 -3.43 -13.76 3.00
N ILE A 325 -2.36 -12.98 2.98
CA ILE A 325 -1.53 -12.76 4.16
C ILE A 325 -1.57 -11.32 4.67
N VAL A 326 -2.18 -11.13 5.83
CA VAL A 326 -2.30 -9.81 6.40
C VAL A 326 -1.08 -9.45 7.25
N SER A 327 -0.01 -9.06 6.56
CA SER A 327 1.22 -8.68 7.22
C SER A 327 2.13 -7.93 6.27
N LEU A 328 2.53 -6.73 6.66
CA LEU A 328 3.44 -5.95 5.83
C LEU A 328 4.87 -6.43 6.08
N ARG A 329 5.16 -6.82 7.32
CA ARG A 329 6.50 -7.28 7.68
C ARG A 329 6.86 -8.60 7.01
N MSE A 330 5.86 -9.45 6.79
CA MSE A 330 6.11 -10.71 6.13
C MSE A 330 6.53 -10.35 4.70
O MSE A 330 7.49 -10.91 4.17
CB MSE A 330 4.84 -11.58 6.14
CG MSE A 330 5.02 -12.96 5.55
SE MSE A 330 6.35 -14.10 6.46
CE MSE A 330 5.28 -14.76 7.91
N ALA A 331 5.82 -9.39 4.09
CA ALA A 331 6.14 -8.96 2.72
C ALA A 331 7.57 -8.42 2.63
N MSE A 332 7.99 -7.67 3.66
CA MSE A 332 9.36 -7.13 3.71
C MSE A 332 10.36 -8.29 3.71
O MSE A 332 11.33 -8.26 2.95
CB MSE A 332 9.55 -6.28 4.97
CG MSE A 332 8.50 -5.20 5.10
SE MSE A 332 8.85 -3.96 6.55
CE MSE A 332 7.86 -4.75 7.87
N ASN A 333 10.08 -9.29 4.53
CA ASN A 333 10.93 -10.48 4.66
C ASN A 333 11.01 -11.20 3.29
N MSE A 334 9.86 -11.32 2.63
CA MSE A 334 9.84 -11.96 1.32
C MSE A 334 10.50 -11.14 0.24
O MSE A 334 11.09 -11.70 -0.68
CB MSE A 334 8.41 -12.30 0.91
CG MSE A 334 7.78 -13.30 1.84
SE MSE A 334 6.10 -14.00 1.16
CE MSE A 334 5.98 -15.62 2.23
N ALA A 335 10.41 -9.82 0.33
CA ALA A 335 11.07 -8.97 -0.67
C ALA A 335 12.57 -9.26 -0.61
N CYS A 336 13.10 -9.42 0.62
CA CYS A 336 14.52 -9.69 0.79
C CYS A 336 14.87 -11.09 0.31
N THR A 337 14.14 -12.07 0.81
CA THR A 337 14.38 -13.47 0.49
C THR A 337 14.12 -13.89 -0.95
N LEU A 338 12.97 -13.49 -1.49
CA LEU A 338 12.60 -13.87 -2.85
C LEU A 338 13.10 -12.93 -3.94
N PHE A 339 13.14 -11.63 -3.65
CA PHE A 339 13.56 -10.66 -4.65
C PHE A 339 14.97 -10.12 -4.48
N GLY A 340 15.61 -10.51 -3.38
CA GLY A 340 16.98 -10.09 -3.16
C GLY A 340 17.18 -8.70 -2.60
N LEU A 341 16.12 -8.08 -2.09
CA LEU A 341 16.30 -6.76 -1.54
C LEU A 341 17.05 -6.81 -0.20
N THR A 342 17.63 -5.69 0.19
CA THR A 342 18.34 -5.61 1.45
C THR A 342 17.35 -5.12 2.51
N PRO A 343 17.61 -5.41 3.78
CA PRO A 343 16.64 -4.91 4.76
C PRO A 343 16.49 -3.38 4.67
N VAL A 344 17.57 -2.68 4.34
CA VAL A 344 17.46 -1.23 4.27
C VAL A 344 16.58 -0.78 3.09
N GLU A 345 16.60 -1.52 1.99
CA GLU A 345 15.77 -1.17 0.84
C GLU A 345 14.30 -1.43 1.16
N ALA A 346 14.06 -2.54 1.85
CA ALA A 346 12.73 -2.95 2.24
C ALA A 346 12.13 -1.89 3.16
N MSE A 347 12.93 -1.42 4.11
CA MSE A 347 12.47 -0.40 5.07
C MSE A 347 12.13 0.88 4.30
O MSE A 347 11.07 1.47 4.50
CB MSE A 347 13.56 -0.15 6.12
CG MSE A 347 13.18 0.84 7.20
SE MSE A 347 11.57 0.28 8.17
CE MSE A 347 11.47 1.77 9.42
N ALA A 348 13.03 1.32 3.43
CA ALA A 348 12.77 2.51 2.65
C ALA A 348 11.54 2.23 1.78
N GLY A 349 11.36 0.97 1.40
CA GLY A 349 10.23 0.56 0.58
C GLY A 349 8.87 0.71 1.27
N VAL A 350 8.86 0.67 2.60
CA VAL A 350 7.61 0.80 3.34
C VAL A 350 7.48 2.15 4.06
N THR A 351 8.39 3.07 3.77
CA THR A 351 8.33 4.39 4.37
C THR A 351 8.43 5.43 3.26
N ARG A 352 9.64 5.92 3.03
CA ARG A 352 9.92 6.93 2.02
C ARG A 352 9.31 6.67 0.64
N HIS A 353 9.64 5.52 0.04
CA HIS A 353 9.13 5.17 -1.27
C HIS A 353 7.63 4.86 -1.29
N ALA A 354 7.11 4.28 -0.21
CA ALA A 354 5.69 3.97 -0.13
C ALA A 354 4.92 5.28 -0.03
N ALA A 355 5.48 6.25 0.70
CA ALA A 355 4.86 7.56 0.85
C ALA A 355 4.73 8.21 -0.53
N ARG A 356 5.83 8.19 -1.29
CA ARG A 356 5.85 8.76 -2.63
C ARG A 356 4.81 8.06 -3.52
N ALA A 357 4.70 6.74 -3.37
CA ALA A 357 3.75 5.96 -4.15
C ALA A 357 2.33 6.44 -3.91
N LEU A 358 2.09 7.02 -2.74
CA LEU A 358 0.76 7.53 -2.40
C LEU A 358 0.68 9.05 -2.56
N GLY A 359 1.73 9.64 -3.14
CA GLY A 359 1.76 11.07 -3.34
C GLY A 359 1.93 11.85 -2.05
N GLU A 360 2.39 11.18 -1.01
CA GLU A 360 2.59 11.83 0.29
C GLU A 360 4.08 12.03 0.63
N GLN A 361 4.93 12.04 -0.39
CA GLN A 361 6.37 12.22 -0.19
C GLN A 361 6.77 13.46 0.61
N GLU A 362 5.91 14.46 0.64
CA GLU A 362 6.22 15.68 1.38
C GLU A 362 5.66 15.67 2.80
N GLN A 363 4.80 14.70 3.10
CA GLN A 363 4.19 14.65 4.42
C GLN A 363 4.54 13.45 5.29
N LEU A 364 4.88 12.32 4.68
CA LEU A 364 5.17 11.13 5.47
C LEU A 364 6.38 10.35 5.02
N GLY A 365 6.78 9.37 5.83
CA GLY A 365 7.89 8.52 5.47
C GLY A 365 9.30 8.86 5.96
N GLN A 366 9.47 10.03 6.54
CA GLN A 366 10.80 10.42 7.04
C GLN A 366 10.65 11.18 8.35
N LEU A 367 11.67 11.10 9.20
CA LEU A 367 11.65 11.83 10.45
C LEU A 367 12.36 13.16 10.19
N ARG A 368 11.64 14.10 9.59
CA ARG A 368 12.18 15.43 9.30
C ARG A 368 11.25 16.48 9.90
N VAL A 369 11.84 17.57 10.38
CA VAL A 369 11.06 18.66 10.95
C VAL A 369 10.13 19.23 9.88
N GLY A 370 8.87 19.42 10.24
CA GLY A 370 7.92 19.95 9.28
C GLY A 370 6.98 18.92 8.68
N MSE A 371 7.35 17.64 8.77
CA MSE A 371 6.51 16.57 8.23
C MSE A 371 5.62 16.01 9.33
O MSE A 371 5.90 16.21 10.51
CB MSE A 371 7.37 15.44 7.65
CG MSE A 371 7.95 15.80 6.29
SE MSE A 371 9.04 14.35 5.59
CE MSE A 371 7.76 13.54 4.36
N LEU A 372 4.56 15.31 8.94
CA LEU A 372 3.60 14.77 9.90
C LEU A 372 4.25 13.90 10.96
N ALA A 373 3.75 14.01 12.19
CA ALA A 373 4.30 13.25 13.29
C ALA A 373 3.76 11.82 13.40
N ASP A 374 4.18 10.99 12.45
CA ASP A 374 3.80 9.58 12.42
C ASP A 374 5.10 8.80 12.61
N PHE A 375 5.31 8.27 13.80
CA PHE A 375 6.51 7.53 14.07
C PHE A 375 6.26 6.41 15.07
N LEU A 376 7.25 5.54 15.21
CA LEU A 376 7.12 4.38 16.07
C LEU A 376 8.34 4.19 16.95
N VAL A 377 8.11 3.81 18.20
CA VAL A 377 9.19 3.55 19.13
C VAL A 377 9.17 2.04 19.30
N TRP A 378 10.28 1.38 18.98
CA TRP A 378 10.34 -0.07 19.08
C TRP A 378 11.13 -0.54 20.29
N ASN A 379 11.07 -1.83 20.58
CA ASN A 379 11.83 -2.38 21.68
C ASN A 379 13.00 -3.20 21.11
N CYS A 380 13.10 -3.28 19.78
CA CYS A 380 14.18 -4.02 19.15
C CYS A 380 15.31 -3.02 18.88
N GLY A 381 16.54 -3.51 18.86
CA GLY A 381 17.69 -2.62 18.69
C GLY A 381 18.00 -1.95 17.37
N HIS A 382 17.92 -2.70 16.27
CA HIS A 382 18.25 -2.17 14.96
C HIS A 382 17.12 -2.33 13.94
N PRO A 383 16.93 -1.32 13.07
CA PRO A 383 15.88 -1.34 12.05
C PRO A 383 15.95 -2.53 11.10
N ALA A 384 17.13 -3.13 10.97
CA ALA A 384 17.27 -4.30 10.09
C ALA A 384 16.36 -5.42 10.57
N GLU A 385 16.04 -5.42 11.87
CA GLU A 385 15.15 -6.45 12.46
C GLU A 385 13.72 -6.41 11.94
N LEU A 386 13.25 -5.24 11.52
CA LEU A 386 11.89 -5.10 11.03
C LEU A 386 11.58 -5.98 9.82
N SER A 387 12.61 -6.30 9.03
CA SER A 387 12.44 -7.16 7.88
C SER A 387 12.74 -8.62 8.21
N TYR A 388 13.51 -8.82 9.28
CA TYR A 388 13.95 -10.15 9.71
C TYR A 388 13.00 -10.97 10.57
N LEU A 389 12.79 -10.53 11.81
CA LEU A 389 11.91 -11.24 12.74
C LEU A 389 10.46 -10.82 12.49
N ILE A 390 9.62 -11.80 12.17
CA ILE A 390 8.23 -11.50 11.85
C ILE A 390 7.20 -12.08 12.82
N GLY A 391 6.07 -11.38 12.94
CA GLY A 391 4.96 -11.83 13.78
C GLY A 391 4.97 -11.59 15.27
N VAL A 392 5.82 -10.68 15.75
CA VAL A 392 5.87 -10.40 17.19
C VAL A 392 5.59 -8.93 17.43
N ASP A 393 4.67 -8.62 18.35
CA ASP A 393 4.38 -7.21 18.64
C ASP A 393 5.64 -6.68 19.28
N GLN A 394 6.16 -5.57 18.76
CA GLN A 394 7.40 -5.01 19.29
C GLN A 394 7.34 -3.51 19.49
N LEU A 395 6.14 -2.95 19.39
CA LEU A 395 5.97 -1.52 19.54
C LEU A 395 5.80 -1.11 20.99
N VAL A 396 6.48 -0.04 21.37
CA VAL A 396 6.38 0.47 22.73
C VAL A 396 5.51 1.71 22.64
N SER A 397 5.50 2.32 21.47
CA SER A 397 4.71 3.52 21.22
C SER A 397 4.43 3.68 19.73
N ARG A 398 3.18 4.00 19.41
CA ARG A 398 2.76 4.18 18.03
C ARG A 398 2.08 5.54 17.97
N VAL A 399 2.75 6.51 17.34
CA VAL A 399 2.22 7.85 17.25
C VAL A 399 1.79 8.23 15.86
N VAL A 400 0.54 8.69 15.76
CA VAL A 400 -0.05 9.12 14.50
C VAL A 400 -0.55 10.55 14.68
N ASN A 401 -0.11 11.45 13.80
CA ASN A 401 -0.48 12.84 13.87
C ASN A 401 -0.11 13.44 15.25
N GLY A 402 1.00 13.00 15.81
CA GLY A 402 1.44 13.50 17.10
C GLY A 402 0.80 12.89 18.33
N GLU A 403 -0.15 11.98 18.16
CA GLU A 403 -0.81 11.36 19.31
C GLU A 403 -0.52 9.88 19.54
N GLU A 404 -0.39 9.48 20.81
CA GLU A 404 -0.15 8.08 21.13
C GLU A 404 -1.42 7.31 20.78
N THR A 405 -1.27 6.16 20.12
CA THR A 405 -2.42 5.36 19.73
C THR A 405 -2.45 3.99 20.37
N LEU A 406 -1.32 3.56 20.93
CA LEU A 406 -1.26 2.24 21.55
C LEU A 406 -2.25 2.15 22.69
N HIS A 407 -2.67 3.31 23.20
CA HIS A 407 -3.63 3.40 24.28
C HIS A 407 -3.95 4.84 24.69
FE FE B . -3.42 -5.85 -6.05
#